data_5IPX
#
_entry.id   5IPX
#
_cell.length_a   87.630
_cell.length_b   142.510
_cell.length_c   71.250
_cell.angle_alpha   90.00
_cell.angle_beta   90.00
_cell.angle_gamma   90.00
#
_symmetry.space_group_name_H-M   'C 2 2 21'
#
loop_
_entity.id
_entity.type
_entity.pdbx_description
1 polymer 'ORF49 protein'
2 non-polymer 'SULFATE ION'
3 water water
#
_entity_poly.entity_id   1
_entity_poly.type   'polypeptide(L)'
_entity_poly.pdbx_seq_one_letter_code
;MHHHHHHSSGVDLGTENLYFQSMTSRRPLKDHLFNHLFRYHYPSWDQILQELDTLSVATLNPDCHVPALNVEKTLYLAKT
IQILVQHRQSEPYLVPAARANLAYSLQQLYKLGNDKIRGVINGMLPLVDAGCIGFERELIKGLPRVLTLQYPHTAPLESE
PPTADCTEWCLSHFVGASGRLRSEVRDILTTHNGTCAPSFEWMASVVKKFFLVETVIYEDFQDTDFNVQLNLCFFWTAVV
QMYQRCIYEQKLVHIISTSLTLLKSTARSFFAWYDLYRPNLGSAALVKYTEHLIRALTPDCSDVELGELCSHLHHCKHAL
FSIQ
;
_entity_poly.pdbx_strand_id   A
#
# COMPACT_ATOMS: atom_id res chain seq x y z
N HIS A 32 15.39 1.82 4.86
CA HIS A 32 15.88 0.47 4.55
C HIS A 32 15.29 -0.04 3.24
N LEU A 33 16.04 -0.93 2.58
CA LEU A 33 15.61 -1.47 1.30
C LEU A 33 14.33 -2.29 1.45
N PHE A 34 13.43 -2.13 0.48
CA PHE A 34 12.18 -2.88 0.37
C PHE A 34 11.18 -2.54 1.48
N ASN A 35 11.62 -1.80 2.50
CA ASN A 35 10.69 -1.41 3.57
C ASN A 35 9.60 -0.48 3.04
N HIS A 36 9.91 0.28 1.98
CA HIS A 36 8.91 1.14 1.35
C HIS A 36 7.75 0.33 0.78
N LEU A 37 8.01 -0.92 0.38
CA LEU A 37 6.95 -1.75 -0.18
C LEU A 37 6.03 -2.28 0.91
N PHE A 38 6.58 -2.60 2.09
CA PHE A 38 5.74 -3.08 3.19
C PHE A 38 4.84 -1.97 3.73
N ARG A 39 5.29 -0.74 3.67
CA ARG A 39 4.50 0.37 4.23
C ARG A 39 3.46 0.87 3.24
N TYR A 40 3.75 0.85 1.95
CA TYR A 40 2.84 1.38 0.94
C TYR A 40 2.36 0.24 0.04
N HIS A 41 1.04 0.05 -0.01
CA HIS A 41 0.47 -0.86 -0.99
C HIS A 41 0.79 -0.40 -2.41
N TYR A 42 0.72 0.91 -2.64
CA TYR A 42 1.11 1.51 -3.91
C TYR A 42 2.34 2.38 -3.67
N PRO A 43 3.54 1.92 -4.06
CA PRO A 43 4.75 2.66 -3.72
C PRO A 43 5.06 3.76 -4.72
N SER A 44 6.07 4.56 -4.38
CA SER A 44 6.52 5.65 -5.23
C SER A 44 7.50 5.13 -6.27
N TRP A 45 7.25 5.47 -7.53
CA TRP A 45 8.18 5.09 -8.59
C TRP A 45 9.54 5.77 -8.41
N ASP A 46 9.52 7.03 -7.98
CA ASP A 46 10.78 7.75 -7.74
C ASP A 46 11.55 7.12 -6.59
N GLN A 47 10.84 6.64 -5.56
CA GLN A 47 11.52 5.95 -4.46
C GLN A 47 12.19 4.68 -4.93
N ILE A 48 11.57 3.96 -5.86
CA ILE A 48 12.18 2.77 -6.44
C ILE A 48 13.45 3.14 -7.18
N LEU A 49 13.39 4.20 -7.99
CA LEU A 49 14.57 4.63 -8.74
C LEU A 49 15.71 5.04 -7.81
N GLN A 50 15.37 5.67 -6.68
CA GLN A 50 16.40 6.11 -5.75
C GLN A 50 17.06 4.93 -5.03
N GLU A 51 16.26 3.96 -4.58
CA GLU A 51 16.85 2.76 -3.99
C GLU A 51 17.67 1.99 -5.01
N LEU A 52 17.25 2.02 -6.28
CA LEU A 52 17.98 1.32 -7.33
C LEU A 52 19.38 1.88 -7.51
N ASP A 53 19.57 3.19 -7.29
CA ASP A 53 20.86 3.82 -7.49
C ASP A 53 21.77 3.73 -6.27
N THR A 54 21.28 3.20 -5.15
CA THR A 54 22.12 2.96 -3.99
C THR A 54 22.83 1.62 -4.05
N LEU A 55 22.50 0.78 -5.02
CA LEU A 55 23.06 -0.57 -5.07
C LEU A 55 24.53 -0.54 -5.45
N SER A 56 25.29 -1.48 -4.87
CA SER A 56 26.71 -1.59 -5.10
C SER A 56 27.10 -3.05 -5.17
N VAL A 57 28.20 -3.32 -5.87
CA VAL A 57 28.73 -4.68 -6.01
C VAL A 57 30.24 -4.64 -5.81
N ALA A 58 30.79 -5.77 -5.36
CA ALA A 58 32.21 -5.91 -5.08
C ALA A 58 32.74 -7.10 -5.88
N THR A 59 33.32 -6.85 -7.05
CA THR A 59 33.81 -7.90 -7.92
C THR A 59 35.33 -8.03 -7.85
N LEU A 60 35.80 -9.23 -8.22
CA LEU A 60 37.24 -9.49 -8.26
C LEU A 60 37.90 -8.76 -9.42
N ASN A 61 37.35 -8.95 -10.63
CA ASN A 61 37.87 -8.29 -11.81
C ASN A 61 37.01 -7.08 -12.13
N PRO A 62 37.57 -5.86 -12.11
CA PRO A 62 36.74 -4.66 -12.30
C PRO A 62 36.13 -4.52 -13.68
N ASP A 63 36.50 -5.35 -14.65
CA ASP A 63 35.80 -5.33 -15.93
C ASP A 63 34.40 -5.93 -15.82
N CYS A 64 34.09 -6.59 -14.71
CA CYS A 64 32.77 -7.16 -14.47
C CYS A 64 31.96 -6.32 -13.49
N HIS A 65 32.46 -5.15 -13.09
CA HIS A 65 31.76 -4.33 -12.10
C HIS A 65 30.41 -3.86 -12.62
N VAL A 66 30.40 -3.26 -13.82
CA VAL A 66 29.17 -2.75 -14.42
C VAL A 66 28.23 -3.90 -14.80
N PRO A 67 28.70 -4.99 -15.43
CA PRO A 67 27.79 -6.11 -15.67
C PRO A 67 27.20 -6.70 -14.41
N ALA A 68 27.99 -6.81 -13.34
CA ALA A 68 27.46 -7.33 -12.08
C ALA A 68 26.46 -6.36 -11.46
N LEU A 69 26.66 -5.06 -11.66
CA LEU A 69 25.71 -4.08 -11.15
C LEU A 69 24.38 -4.19 -11.88
N ASN A 70 24.42 -4.42 -13.20
CA ASN A 70 23.18 -4.60 -13.95
C ASN A 70 22.42 -5.83 -13.48
N VAL A 71 23.13 -6.91 -13.16
CA VAL A 71 22.48 -8.08 -12.57
C VAL A 71 21.88 -7.73 -11.22
N GLU A 72 22.64 -6.99 -10.39
CA GLU A 72 22.14 -6.58 -9.09
C GLU A 72 20.89 -5.73 -9.22
N LYS A 73 20.86 -4.83 -10.20
CA LYS A 73 19.69 -3.99 -10.41
C LYS A 73 18.52 -4.80 -10.95
N THR A 74 18.80 -5.73 -11.86
CA THR A 74 17.74 -6.61 -12.37
C THR A 74 17.16 -7.47 -11.26
N LEU A 75 18.02 -7.96 -10.36
CA LEU A 75 17.55 -8.74 -9.23
C LEU A 75 16.70 -7.91 -8.29
N TYR A 76 17.12 -6.65 -8.04
CA TYR A 76 16.32 -5.77 -7.19
C TYR A 76 14.95 -5.52 -7.78
N LEU A 77 14.89 -5.26 -9.10
CA LEU A 77 13.60 -5.03 -9.74
C LEU A 77 12.76 -6.28 -9.75
N ALA A 78 13.38 -7.45 -9.93
CA ALA A 78 12.64 -8.72 -9.93
C ALA A 78 11.97 -8.95 -8.59
N LYS A 79 12.70 -8.74 -7.48
CA LYS A 79 12.10 -8.90 -6.17
C LYS A 79 11.05 -7.82 -5.91
N THR A 80 11.27 -6.61 -6.42
CA THR A 80 10.29 -5.55 -6.26
C THR A 80 8.98 -5.90 -6.97
N ILE A 81 9.07 -6.31 -8.24
CA ILE A 81 7.87 -6.68 -8.98
C ILE A 81 7.17 -7.85 -8.31
N GLN A 82 7.94 -8.79 -7.76
CA GLN A 82 7.36 -9.93 -7.06
C GLN A 82 6.47 -9.47 -5.91
N ILE A 83 6.92 -8.46 -5.15
CA ILE A 83 6.10 -7.90 -4.08
C ILE A 83 4.88 -7.20 -4.66
N LEU A 84 5.08 -6.41 -5.72
CA LEU A 84 3.98 -5.65 -6.31
C LEU A 84 2.89 -6.57 -6.84
N VAL A 85 3.27 -7.70 -7.43
CA VAL A 85 2.29 -8.66 -7.91
C VAL A 85 1.46 -9.20 -6.77
N GLN A 86 2.10 -9.45 -5.62
CA GLN A 86 1.37 -9.90 -4.45
C GLN A 86 0.45 -8.81 -3.91
N HIS A 87 0.85 -7.54 -4.04
CA HIS A 87 -0.04 -6.45 -3.67
C HIS A 87 -1.27 -6.41 -4.56
N ARG A 88 -1.09 -6.72 -5.84
CA ARG A 88 -2.22 -6.70 -6.75
C ARG A 88 -3.13 -7.91 -6.52
N GLN A 89 -2.56 -9.03 -6.08
CA GLN A 89 -3.39 -10.16 -5.67
C GLN A 89 -4.22 -9.81 -4.43
N SER A 90 -3.69 -9.00 -3.53
CA SER A 90 -4.39 -8.62 -2.31
C SER A 90 -5.28 -7.40 -2.49
N GLU A 91 -5.17 -6.71 -3.63
CA GLU A 91 -5.93 -5.48 -3.84
C GLU A 91 -7.44 -5.65 -3.75
N PRO A 92 -8.07 -6.71 -4.29
CA PRO A 92 -9.53 -6.82 -4.16
C PRO A 92 -10.01 -7.05 -2.74
N TYR A 93 -9.12 -7.19 -1.75
CA TYR A 93 -9.51 -7.41 -0.38
C TYR A 93 -9.30 -6.19 0.50
N LEU A 94 -8.79 -5.10 -0.05
CA LEU A 94 -8.54 -3.89 0.76
C LEU A 94 -9.85 -3.24 1.18
N VAL A 95 -10.71 -2.90 0.21
CA VAL A 95 -11.98 -2.25 0.55
C VAL A 95 -12.86 -3.14 1.41
N PRO A 96 -13.04 -4.44 1.12
CA PRO A 96 -13.85 -5.26 2.04
C PRO A 96 -13.32 -5.29 3.46
N ALA A 97 -12.00 -5.28 3.65
CA ALA A 97 -11.45 -5.22 5.00
C ALA A 97 -11.75 -3.88 5.65
N ALA A 98 -11.68 -2.79 4.87
CA ALA A 98 -12.04 -1.48 5.40
C ALA A 98 -13.53 -1.42 5.73
N ARG A 99 -14.37 -2.03 4.89
CA ARG A 99 -15.80 -2.06 5.17
C ARG A 99 -16.11 -2.85 6.44
N ALA A 100 -15.42 -3.97 6.66
CA ALA A 100 -15.66 -4.77 7.85
C ALA A 100 -15.35 -3.99 9.12
N ASN A 101 -14.25 -3.23 9.11
CA ASN A 101 -13.91 -2.42 10.28
C ASN A 101 -14.93 -1.31 10.50
N LEU A 102 -15.37 -0.66 9.43
CA LEU A 102 -16.36 0.40 9.58
C LEU A 102 -17.69 -0.16 10.06
N ALA A 103 -18.09 -1.32 9.54
CA ALA A 103 -19.31 -1.97 10.02
C ALA A 103 -19.23 -2.27 11.50
N TYR A 104 -18.05 -2.68 11.98
CA TYR A 104 -17.88 -2.99 13.39
C TYR A 104 -18.07 -1.75 14.26
N SER A 105 -17.43 -0.65 13.88
CA SER A 105 -17.56 0.58 14.66
C SER A 105 -18.98 1.12 14.61
N LEU A 106 -19.68 0.95 13.48
CA LEU A 106 -21.07 1.36 13.40
C LEU A 106 -21.94 0.54 14.35
N GLN A 107 -21.65 -0.76 14.47
CA GLN A 107 -22.39 -1.59 15.42
C GLN A 107 -22.11 -1.19 16.85
N GLN A 108 -20.90 -0.74 17.15
CA GLN A 108 -20.60 -0.26 18.50
C GLN A 108 -21.33 1.03 18.79
N LEU A 109 -21.37 1.96 17.82
CA LEU A 109 -22.17 3.17 17.98
C LEU A 109 -23.65 2.84 18.15
N TYR A 110 -24.10 1.75 17.52
CA TYR A 110 -25.50 1.36 17.63
C TYR A 110 -25.85 0.96 19.06
N LYS A 111 -24.93 0.27 19.75
CA LYS A 111 -25.15 -0.07 21.15
C LYS A 111 -25.30 1.19 21.99
N LEU A 112 -24.43 2.18 21.77
CA LEU A 112 -24.34 3.38 22.59
C LEU A 112 -25.13 4.54 22.00
N GLY A 113 -26.37 4.32 21.55
CA GLY A 113 -27.07 5.32 20.77
C GLY A 113 -28.56 5.38 21.07
N ASN A 114 -29.08 6.60 21.06
CA ASN A 114 -30.52 6.81 21.06
C ASN A 114 -31.10 6.41 19.71
N ASP A 115 -32.43 6.41 19.63
CA ASP A 115 -33.10 5.85 18.46
C ASP A 115 -33.02 6.74 17.24
N LYS A 116 -32.69 8.04 17.39
CA LYS A 116 -32.47 8.86 16.21
C LYS A 116 -31.08 8.66 15.64
N ILE A 117 -30.11 8.30 16.50
CA ILE A 117 -28.81 7.87 16.00
C ILE A 117 -28.92 6.50 15.35
N ARG A 118 -29.66 5.59 15.98
CA ARG A 118 -29.87 4.26 15.39
C ARG A 118 -30.58 4.35 14.04
N GLY A 119 -31.44 5.35 13.87
CA GLY A 119 -32.13 5.50 12.60
C GLY A 119 -31.19 5.83 11.45
N VAL A 120 -30.23 6.72 11.70
CA VAL A 120 -29.25 7.05 10.66
C VAL A 120 -28.34 5.85 10.38
N ILE A 121 -27.89 5.18 11.44
CA ILE A 121 -27.02 4.01 11.26
C ILE A 121 -27.75 2.92 10.48
N ASN A 122 -29.06 2.77 10.70
CA ASN A 122 -29.82 1.75 9.99
C ASN A 122 -29.81 1.98 8.48
N GLY A 123 -29.61 3.22 8.04
CA GLY A 123 -29.52 3.52 6.63
C GLY A 123 -28.14 3.38 6.02
N MET A 124 -27.11 3.25 6.85
CA MET A 124 -25.73 3.12 6.39
C MET A 124 -25.20 1.70 6.52
N LEU A 125 -25.45 1.06 7.67
CA LEU A 125 -24.83 -0.23 7.96
C LEU A 125 -25.13 -1.32 6.92
N PRO A 126 -26.33 -1.45 6.38
CA PRO A 126 -26.54 -2.49 5.34
C PRO A 126 -25.73 -2.24 4.08
N LEU A 127 -25.57 -0.99 3.67
CA LEU A 127 -24.82 -0.70 2.45
C LEU A 127 -23.33 -0.96 2.65
N VAL A 128 -22.78 -0.53 3.80
CA VAL A 128 -21.38 -0.79 4.10
C VAL A 128 -21.12 -2.29 4.17
N ASP A 129 -22.04 -3.03 4.78
CA ASP A 129 -21.85 -4.46 4.99
C ASP A 129 -21.73 -5.21 3.67
N ALA A 130 -22.65 -4.96 2.75
CA ALA A 130 -22.65 -5.67 1.47
C ALA A 130 -21.71 -5.03 0.45
N GLY A 131 -21.30 -3.79 0.67
CA GLY A 131 -20.50 -3.08 -0.32
C GLY A 131 -21.31 -2.55 -1.48
N CYS A 132 -22.55 -2.15 -1.24
CA CYS A 132 -23.43 -1.71 -2.31
C CYS A 132 -22.89 -0.44 -2.96
N ILE A 133 -23.28 -0.23 -4.22
CA ILE A 133 -22.60 0.70 -5.11
C ILE A 133 -22.50 2.10 -4.51
N GLY A 134 -23.53 2.53 -3.78
CA GLY A 134 -23.52 3.89 -3.27
C GLY A 134 -23.26 4.02 -1.78
N PHE A 135 -22.48 3.10 -1.21
CA PHE A 135 -22.30 3.10 0.24
C PHE A 135 -21.41 4.23 0.72
N GLU A 136 -20.39 4.59 -0.07
CA GLU A 136 -19.43 5.57 0.41
C GLU A 136 -20.05 6.96 0.52
N ARG A 137 -21.03 7.27 -0.31
CA ARG A 137 -21.66 8.58 -0.23
C ARG A 137 -22.68 8.65 0.92
N GLU A 138 -23.34 7.54 1.25
CA GLU A 138 -24.23 7.54 2.40
C GLU A 138 -23.46 7.71 3.71
N LEU A 139 -22.22 7.24 3.76
CA LEU A 139 -21.36 7.53 4.90
C LEU A 139 -21.04 9.02 4.96
N ILE A 140 -20.75 9.63 3.81
CA ILE A 140 -20.40 11.05 3.76
C ILE A 140 -21.52 11.89 4.35
N LYS A 141 -22.77 11.53 4.05
CA LYS A 141 -23.91 12.31 4.54
C LYS A 141 -24.39 11.86 5.92
N GLY A 142 -24.22 10.58 6.25
CA GLY A 142 -24.77 10.05 7.49
C GLY A 142 -23.92 10.26 8.72
N LEU A 143 -22.60 10.16 8.57
CA LEU A 143 -21.71 10.29 9.73
C LEU A 143 -21.75 11.68 10.35
N PRO A 144 -21.73 12.79 9.61
CA PRO A 144 -21.88 14.10 10.27
C PRO A 144 -23.20 14.26 10.99
N ARG A 145 -24.28 13.66 10.47
CA ARG A 145 -25.56 13.72 11.16
C ARG A 145 -25.52 12.98 12.49
N VAL A 146 -24.80 11.86 12.54
CA VAL A 146 -24.61 11.15 13.81
C VAL A 146 -23.81 12.01 14.77
N LEU A 147 -22.80 12.73 14.25
CA LEU A 147 -21.99 13.60 15.09
C LEU A 147 -22.83 14.71 15.70
N THR A 148 -23.73 15.31 14.91
CA THR A 148 -24.56 16.41 15.40
C THR A 148 -25.56 15.91 16.43
N LEU A 149 -26.18 14.76 16.18
CA LEU A 149 -27.20 14.26 17.11
C LEU A 149 -26.62 13.90 18.46
N GLN A 150 -25.34 13.53 18.51
CA GLN A 150 -24.71 13.21 19.79
C GLN A 150 -24.34 14.47 20.57
N TYR A 151 -23.70 15.43 19.89
CA TYR A 151 -23.27 16.68 20.50
C TYR A 151 -23.98 17.82 19.77
N PRO A 152 -25.25 18.07 20.08
CA PRO A 152 -26.00 19.09 19.33
C PRO A 152 -25.48 20.51 19.53
N HIS A 153 -24.78 20.78 20.63
CA HIS A 153 -24.34 22.13 20.97
C HIS A 153 -22.89 22.41 20.59
N THR A 154 -22.05 21.39 20.57
CA THR A 154 -20.62 21.55 20.37
C THR A 154 -20.14 21.04 19.02
N ALA A 155 -21.04 20.54 18.19
CA ALA A 155 -20.63 20.00 16.88
C ALA A 155 -20.72 21.09 15.83
N PRO A 156 -19.69 21.25 14.98
CA PRO A 156 -19.68 22.23 13.88
C PRO A 156 -20.52 21.76 12.68
N CYS A 166 -11.97 12.56 1.65
CA CYS A 166 -11.01 13.65 1.73
C CYS A 166 -10.32 13.66 3.09
N THR A 167 -9.03 14.00 3.10
CA THR A 167 -8.26 14.01 4.34
C THR A 167 -8.78 15.08 5.30
N GLU A 168 -8.93 16.32 4.80
CA GLU A 168 -9.35 17.40 5.67
C GLU A 168 -10.80 17.26 6.11
N TRP A 169 -11.66 16.69 5.25
CA TRP A 169 -13.04 16.43 5.65
C TRP A 169 -13.09 15.46 6.83
N CYS A 170 -12.27 14.41 6.79
CA CYS A 170 -12.25 13.45 7.88
C CYS A 170 -11.72 14.06 9.16
N LEU A 171 -10.59 14.77 9.08
CA LEU A 171 -9.96 15.32 10.27
C LEU A 171 -10.80 16.42 10.91
N SER A 172 -11.51 17.21 10.12
CA SER A 172 -12.33 18.28 10.67
C SER A 172 -13.58 17.76 11.39
N HIS A 173 -13.88 16.47 11.25
CA HIS A 173 -15.00 15.85 11.96
C HIS A 173 -14.55 15.03 13.16
N PHE A 174 -13.25 14.90 13.40
CA PHE A 174 -12.77 14.23 14.59
C PHE A 174 -13.17 15.01 15.83
N VAL A 175 -13.60 14.28 16.86
CA VAL A 175 -13.88 14.85 18.17
C VAL A 175 -13.17 14.04 19.22
N GLY A 176 -12.56 14.71 20.19
CA GLY A 176 -11.81 14.03 21.22
C GLY A 176 -10.56 13.33 20.73
N ALA A 177 -9.92 13.88 19.70
CA ALA A 177 -8.70 13.32 19.13
C ALA A 177 -7.52 14.21 19.49
N SER A 178 -6.46 13.60 19.99
CA SER A 178 -5.28 14.34 20.41
C SER A 178 -4.53 14.90 19.20
N GLY A 179 -3.61 15.83 19.49
CA GLY A 179 -2.82 16.42 18.42
C GLY A 179 -1.93 15.41 17.72
N ARG A 180 -1.37 14.46 18.49
CA ARG A 180 -0.49 13.46 17.89
C ARG A 180 -1.28 12.48 17.02
N LEU A 181 -2.50 12.14 17.43
CA LEU A 181 -3.33 11.24 16.63
C LEU A 181 -3.75 11.90 15.33
N ARG A 182 -4.17 13.16 15.40
CA ARG A 182 -4.57 13.87 14.18
C ARG A 182 -3.40 14.02 13.22
N SER A 183 -2.20 14.26 13.73
CA SER A 183 -1.04 14.41 12.85
C SER A 183 -0.66 13.08 12.22
N GLU A 184 -0.73 11.98 12.98
CA GLU A 184 -0.44 10.67 12.41
C GLU A 184 -1.48 10.29 11.36
N VAL A 185 -2.76 10.57 11.63
CA VAL A 185 -3.81 10.26 10.68
C VAL A 185 -3.60 11.02 9.38
N ARG A 186 -3.22 12.30 9.47
CA ARG A 186 -3.03 13.05 8.24
C ARG A 186 -1.89 12.48 7.42
N ASP A 187 -0.74 12.20 8.06
CA ASP A 187 0.41 11.70 7.30
C ASP A 187 0.14 10.34 6.67
N ILE A 188 -0.78 9.56 7.23
CA ILE A 188 -1.14 8.27 6.62
C ILE A 188 -1.96 8.50 5.36
N LEU A 189 -2.88 9.45 5.40
CA LEU A 189 -3.82 9.64 4.32
C LEU A 189 -3.25 10.49 3.20
N THR A 190 -2.18 11.25 3.45
CA THR A 190 -1.57 12.06 2.40
C THR A 190 -0.91 11.15 1.38
N THR A 191 -1.47 11.14 0.19
CA THR A 191 -1.06 10.32 -0.94
C THR A 191 0.18 10.86 -1.65
N HIS A 192 0.70 12.00 -1.21
CA HIS A 192 1.71 12.75 -1.96
C HIS A 192 1.23 13.02 -3.39
N ASN A 193 -0.08 13.26 -3.52
CA ASN A 193 -0.76 13.62 -4.76
C ASN A 193 -0.72 12.52 -5.82
N GLY A 194 -1.27 11.35 -5.49
CA GLY A 194 -1.31 10.23 -6.41
C GLY A 194 -0.09 9.33 -6.38
N THR A 195 1.02 9.78 -5.80
CA THR A 195 2.28 9.08 -5.95
C THR A 195 2.30 7.76 -5.19
N CYS A 196 1.54 7.63 -4.10
CA CYS A 196 1.62 6.42 -3.29
C CYS A 196 0.26 6.16 -2.64
N ALA A 197 0.24 5.18 -1.72
CA ALA A 197 -0.91 4.84 -0.87
C ALA A 197 -0.49 3.80 0.17
N PRO A 198 -0.87 3.98 1.44
CA PRO A 198 -0.32 3.14 2.51
C PRO A 198 -0.89 1.73 2.51
N SER A 199 -0.10 0.80 3.04
CA SER A 199 -0.52 -0.58 3.18
C SER A 199 -1.47 -0.73 4.36
N PHE A 200 -2.17 -1.87 4.40
CA PHE A 200 -3.15 -2.12 5.45
C PHE A 200 -2.47 -2.43 6.78
N GLU A 201 -1.34 -3.14 6.75
CA GLU A 201 -0.57 -3.32 7.98
C GLU A 201 -0.12 -1.98 8.52
N TRP A 202 0.02 -0.98 7.64
CA TRP A 202 0.45 0.31 8.11
C TRP A 202 -0.68 1.07 8.78
N MET A 203 -1.92 0.82 8.37
CA MET A 203 -3.07 1.48 9.01
C MET A 203 -3.30 0.97 10.43
N ALA A 204 -3.14 -0.35 10.64
CA ALA A 204 -3.37 -0.93 11.96
C ALA A 204 -2.49 -0.28 13.02
N SER A 205 -1.28 0.15 12.64
CA SER A 205 -0.42 0.85 13.58
C SER A 205 -1.05 2.16 14.06
N VAL A 206 -1.83 2.81 13.21
CA VAL A 206 -2.52 4.04 13.61
C VAL A 206 -3.87 3.74 14.23
N VAL A 207 -4.54 2.67 13.80
CA VAL A 207 -5.84 2.29 14.34
C VAL A 207 -5.76 2.13 15.86
N LYS A 208 -4.70 1.48 16.34
CA LYS A 208 -4.57 1.27 17.78
C LYS A 208 -4.38 2.57 18.55
N LYS A 209 -3.89 3.62 17.89
CA LYS A 209 -3.79 4.93 18.56
C LYS A 209 -5.15 5.54 18.83
N PHE A 210 -6.19 5.11 18.11
CA PHE A 210 -7.53 5.59 18.38
C PHE A 210 -8.05 5.09 19.72
N PHE A 211 -7.64 3.88 20.12
CA PHE A 211 -8.15 3.25 21.34
C PHE A 211 -7.38 3.67 22.58
N LEU A 212 -6.05 3.62 22.51
CA LEU A 212 -5.20 3.85 23.68
C LEU A 212 -5.19 5.32 24.09
N VAL A 213 -6.35 5.83 24.54
CA VAL A 213 -6.49 7.24 24.91
C VAL A 213 -7.32 7.38 26.18
N GLU A 214 -7.53 6.28 26.90
CA GLU A 214 -8.48 6.26 28.01
C GLU A 214 -7.97 6.99 29.25
N THR A 215 -7.33 8.14 29.06
CA THR A 215 -6.77 8.87 30.19
C THR A 215 -7.34 10.27 30.41
N VAL A 216 -8.01 10.87 29.42
CA VAL A 216 -8.51 12.24 29.56
C VAL A 216 -9.87 12.38 28.85
N ILE A 217 -10.60 13.40 29.29
CA ILE A 217 -11.98 13.66 28.87
C ILE A 217 -12.04 15.07 28.30
N TYR A 218 -12.67 15.21 27.13
CA TYR A 218 -12.85 16.50 26.49
C TYR A 218 -14.16 17.13 26.98
N GLU A 219 -14.06 18.37 27.45
CA GLU A 219 -15.22 19.02 28.06
C GLU A 219 -16.36 19.20 27.05
N ASP A 220 -16.04 19.44 25.78
CA ASP A 220 -17.06 19.61 24.77
C ASP A 220 -17.61 18.28 24.25
N PHE A 221 -16.82 17.20 24.35
CA PHE A 221 -17.20 15.88 23.82
C PHE A 221 -16.81 14.84 24.86
N GLN A 222 -17.68 14.65 25.85
CA GLN A 222 -17.32 13.88 27.03
C GLN A 222 -17.48 12.37 26.88
N ASP A 223 -18.21 11.91 25.86
CA ASP A 223 -18.44 10.48 25.67
C ASP A 223 -17.24 9.90 24.93
N THR A 224 -16.25 9.43 25.71
CA THR A 224 -15.00 8.96 25.13
C THR A 224 -15.21 7.75 24.23
N ASP A 225 -16.00 6.77 24.67
CA ASP A 225 -16.17 5.56 23.88
C ASP A 225 -16.98 5.83 22.61
N PHE A 226 -17.89 6.80 22.65
CA PHE A 226 -18.54 7.22 21.40
C PHE A 226 -17.54 7.86 20.46
N ASN A 227 -16.67 8.72 20.99
CA ASN A 227 -15.72 9.45 20.14
C ASN A 227 -14.79 8.50 19.41
N VAL A 228 -14.33 7.44 20.09
CA VAL A 228 -13.40 6.49 19.46
C VAL A 228 -14.04 5.83 18.26
N GLN A 229 -15.28 5.35 18.41
CA GLN A 229 -15.92 4.60 17.33
C GLN A 229 -16.31 5.53 16.18
N LEU A 230 -16.76 6.75 16.48
CA LEU A 230 -17.13 7.67 15.41
C LEU A 230 -15.91 8.16 14.66
N ASN A 231 -14.79 8.41 15.37
CA ASN A 231 -13.56 8.79 14.69
C ASN A 231 -13.09 7.69 13.75
N LEU A 232 -13.16 6.45 14.20
CA LEU A 232 -12.81 5.32 13.33
C LEU A 232 -13.70 5.28 12.10
N CYS A 233 -14.98 5.64 12.25
CA CYS A 233 -15.88 5.65 11.11
C CYS A 233 -15.46 6.69 10.08
N PHE A 234 -15.07 7.88 10.53
CA PHE A 234 -14.57 8.89 9.60
C PHE A 234 -13.24 8.46 8.99
N PHE A 235 -12.37 7.85 9.80
CA PHE A 235 -11.08 7.41 9.31
C PHE A 235 -11.22 6.36 8.21
N TRP A 236 -12.00 5.32 8.47
CA TRP A 236 -12.16 4.25 7.48
C TRP A 236 -12.94 4.71 6.25
N THR A 237 -13.79 5.73 6.41
CA THR A 237 -14.47 6.28 5.24
C THR A 237 -13.48 6.95 4.29
N ALA A 238 -12.50 7.67 4.85
CA ALA A 238 -11.46 8.27 4.01
C ALA A 238 -10.56 7.20 3.41
N VAL A 239 -10.32 6.12 4.16
CA VAL A 239 -9.51 5.01 3.67
C VAL A 239 -10.16 4.39 2.43
N VAL A 240 -11.46 4.13 2.51
CA VAL A 240 -12.19 3.52 1.41
C VAL A 240 -12.04 4.37 0.14
N GLN A 241 -12.25 5.69 0.27
CA GLN A 241 -12.13 6.57 -0.88
C GLN A 241 -10.72 6.53 -1.47
N MET A 242 -9.70 6.53 -0.61
CA MET A 242 -8.33 6.52 -1.09
C MET A 242 -8.02 5.24 -1.85
N TYR A 243 -8.45 4.09 -1.32
CA TYR A 243 -8.20 2.82 -2.01
C TYR A 243 -9.03 2.70 -3.28
N GLN A 244 -10.28 3.18 -3.26
CA GLN A 244 -11.15 3.05 -4.42
C GLN A 244 -10.59 3.78 -5.62
N ARG A 245 -9.95 4.92 -5.41
CA ARG A 245 -9.35 5.63 -6.53
C ARG A 245 -8.09 4.93 -7.00
N CYS A 246 -7.21 4.51 -6.08
CA CYS A 246 -6.03 3.74 -6.48
C CYS A 246 -6.40 2.53 -7.33
N ILE A 247 -7.52 1.87 -7.00
CA ILE A 247 -7.98 0.73 -7.79
C ILE A 247 -8.47 1.21 -9.14
N TYR A 248 -9.29 2.26 -9.15
CA TYR A 248 -9.86 2.76 -10.40
C TYR A 248 -8.77 3.30 -11.32
N GLU A 249 -7.77 4.00 -10.76
CA GLU A 249 -6.70 4.59 -11.53
C GLU A 249 -5.66 3.59 -12.00
N GLN A 250 -5.80 2.32 -11.62
CA GLN A 250 -4.86 1.27 -12.04
C GLN A 250 -3.42 1.62 -11.65
N LYS A 251 -3.24 2.08 -10.41
CA LYS A 251 -1.92 2.52 -9.97
C LYS A 251 -0.93 1.35 -9.95
N LEU A 252 -1.36 0.19 -9.46
CA LEU A 252 -0.44 -0.93 -9.35
C LEU A 252 -0.07 -1.48 -10.73
N VAL A 253 -1.05 -1.57 -11.63
CA VAL A 253 -0.77 -2.06 -12.99
C VAL A 253 0.28 -1.20 -13.66
N HIS A 254 0.17 0.12 -13.51
CA HIS A 254 1.09 1.04 -14.19
C HIS A 254 2.50 0.94 -13.62
N ILE A 255 2.63 0.80 -12.31
CA ILE A 255 3.96 0.75 -11.73
C ILE A 255 4.61 -0.60 -11.97
N ILE A 256 3.82 -1.66 -12.10
CA ILE A 256 4.38 -2.95 -12.50
C ILE A 256 4.89 -2.90 -13.92
N SER A 257 4.17 -2.19 -14.81
CA SER A 257 4.60 -2.07 -16.19
C SER A 257 5.91 -1.30 -16.31
N THR A 258 5.99 -0.13 -15.66
CA THR A 258 7.22 0.66 -15.72
C THR A 258 8.38 -0.06 -15.07
N SER A 259 8.12 -0.82 -14.01
CA SER A 259 9.17 -1.62 -13.39
C SER A 259 9.65 -2.72 -14.33
N LEU A 260 8.72 -3.39 -15.00
CA LEU A 260 9.09 -4.46 -15.94
C LEU A 260 9.87 -3.91 -17.12
N THR A 261 9.45 -2.75 -17.64
CA THR A 261 10.17 -2.12 -18.74
C THR A 261 11.61 -1.83 -18.36
N LEU A 262 11.83 -1.31 -17.15
CA LEU A 262 13.20 -1.02 -16.71
C LEU A 262 13.97 -2.29 -16.39
N LEU A 263 13.27 -3.33 -15.92
CA LEU A 263 13.92 -4.61 -15.65
C LEU A 263 14.51 -5.19 -16.94
N LYS A 264 13.72 -5.19 -18.02
CA LYS A 264 14.17 -5.79 -19.26
C LYS A 264 15.28 -4.97 -19.91
N SER A 265 15.19 -3.64 -19.80
CA SER A 265 16.26 -2.80 -20.34
C SER A 265 17.55 -2.98 -19.57
N THR A 266 17.46 -3.12 -18.25
CA THR A 266 18.65 -3.38 -17.44
C THR A 266 19.22 -4.75 -17.74
N ALA A 267 18.35 -5.76 -17.85
CA ALA A 267 18.82 -7.12 -18.12
C ALA A 267 19.44 -7.22 -19.51
N ARG A 268 18.90 -6.50 -20.49
CA ARG A 268 19.45 -6.54 -21.84
C ARG A 268 20.90 -6.05 -21.86
N SER A 269 21.21 -5.03 -21.06
CA SER A 269 22.58 -4.53 -21.00
C SER A 269 23.54 -5.61 -20.49
N PHE A 270 23.07 -6.48 -19.60
CA PHE A 270 23.92 -7.55 -19.11
C PHE A 270 24.14 -8.62 -20.18
N PHE A 271 23.06 -9.06 -20.83
CA PHE A 271 23.18 -10.09 -21.85
C PHE A 271 23.91 -9.56 -23.09
N ALA A 272 23.86 -8.25 -23.32
CA ALA A 272 24.68 -7.67 -24.38
C ALA A 272 26.15 -7.81 -24.04
N TRP A 273 26.52 -7.58 -22.78
CA TRP A 273 27.90 -7.79 -22.35
C TRP A 273 28.28 -9.26 -22.42
N TYR A 274 27.36 -10.15 -22.02
CA TYR A 274 27.66 -11.58 -22.03
C TYR A 274 27.87 -12.09 -23.45
N ASP A 275 26.98 -11.73 -24.37
CA ASP A 275 27.12 -12.19 -25.75
C ASP A 275 28.39 -11.66 -26.40
N LEU A 276 28.87 -10.50 -25.93
CA LEU A 276 30.03 -9.87 -26.54
C LEU A 276 31.35 -10.46 -26.04
N TYR A 277 31.42 -10.87 -24.77
CA TYR A 277 32.64 -11.40 -24.20
C TYR A 277 32.59 -12.89 -23.88
N ARG A 278 31.41 -13.48 -23.82
CA ARG A 278 31.26 -14.92 -23.58
C ARG A 278 32.07 -15.43 -22.41
N PRO A 279 31.87 -14.91 -21.21
CA PRO A 279 32.61 -15.41 -20.06
C PRO A 279 32.07 -16.75 -19.61
N ASN A 280 32.89 -17.46 -18.83
CA ASN A 280 32.53 -18.76 -18.29
C ASN A 280 31.78 -18.54 -16.98
N LEU A 281 30.45 -18.58 -17.05
CA LEU A 281 29.61 -18.46 -15.86
C LEU A 281 29.03 -19.82 -15.44
N GLY A 282 29.61 -20.91 -15.91
CA GLY A 282 29.17 -22.23 -15.53
C GLY A 282 28.40 -22.96 -16.62
N SER A 283 27.54 -22.23 -17.34
CA SER A 283 26.71 -22.85 -18.37
C SER A 283 26.16 -21.76 -19.26
N ALA A 284 26.44 -21.85 -20.56
CA ALA A 284 25.82 -20.93 -21.52
C ALA A 284 24.32 -21.17 -21.64
N ALA A 285 23.90 -22.43 -21.51
CA ALA A 285 22.48 -22.75 -21.61
C ALA A 285 21.69 -22.20 -20.43
N LEU A 286 22.31 -22.12 -19.26
CA LEU A 286 21.63 -21.53 -18.10
C LEU A 286 21.44 -20.03 -18.29
N VAL A 287 22.44 -19.35 -18.84
CA VAL A 287 22.31 -17.92 -19.13
C VAL A 287 21.21 -17.69 -20.17
N LYS A 288 21.23 -18.47 -21.25
CA LYS A 288 20.18 -18.37 -22.26
C LYS A 288 18.81 -18.73 -21.70
N TYR A 289 18.76 -19.68 -20.77
CA TYR A 289 17.50 -20.00 -20.10
C TYR A 289 17.03 -18.82 -19.24
N THR A 290 17.95 -18.21 -18.50
CA THR A 290 17.60 -17.06 -17.68
C THR A 290 17.11 -15.90 -18.54
N GLU A 291 17.74 -15.70 -19.70
CA GLU A 291 17.30 -14.65 -20.62
C GLU A 291 15.92 -14.95 -21.17
N HIS A 292 15.61 -16.23 -21.39
CA HIS A 292 14.27 -16.61 -21.84
C HIS A 292 13.23 -16.29 -20.78
N LEU A 293 13.56 -16.51 -19.50
CA LEU A 293 12.61 -16.22 -18.42
C LEU A 293 12.26 -14.73 -18.39
N ILE A 294 13.25 -13.87 -18.58
CA ILE A 294 13.00 -12.44 -18.59
C ILE A 294 12.17 -12.05 -19.81
N ARG A 295 12.50 -12.61 -20.96
CA ARG A 295 11.74 -12.30 -22.18
C ARG A 295 10.28 -12.72 -22.05
N ALA A 296 10.03 -13.84 -21.37
CA ALA A 296 8.67 -14.33 -21.21
C ALA A 296 7.85 -13.54 -20.21
N LEU A 297 8.46 -12.60 -19.49
CA LEU A 297 7.73 -11.81 -18.51
C LEU A 297 6.75 -10.87 -19.21
N THR A 298 5.53 -10.82 -18.70
CA THR A 298 4.48 -9.94 -19.18
C THR A 298 3.94 -9.17 -17.99
N PRO A 299 3.28 -8.02 -18.23
CA PRO A 299 2.66 -7.29 -17.12
C PRO A 299 1.72 -8.14 -16.26
N ASP A 300 1.18 -9.22 -16.82
CA ASP A 300 0.33 -10.14 -16.08
C ASP A 300 1.13 -11.27 -15.43
N CYS A 301 2.42 -11.06 -15.19
CA CYS A 301 3.27 -12.11 -14.64
C CYS A 301 2.82 -12.48 -13.23
N SER A 302 3.17 -13.71 -12.83
CA SER A 302 2.87 -14.24 -11.51
C SER A 302 4.08 -14.10 -10.60
N ASP A 303 3.81 -14.12 -9.30
CA ASP A 303 4.90 -14.12 -8.32
C ASP A 303 5.72 -15.40 -8.38
N VAL A 304 5.14 -16.50 -8.88
CA VAL A 304 5.89 -17.73 -9.06
C VAL A 304 6.98 -17.54 -10.10
N GLU A 305 6.64 -16.90 -11.23
CA GLU A 305 7.63 -16.61 -12.26
C GLU A 305 8.79 -15.80 -11.72
N LEU A 306 8.47 -14.72 -10.98
CA LEU A 306 9.51 -13.79 -10.54
C LEU A 306 10.39 -14.41 -9.47
N GLY A 307 9.80 -15.18 -8.55
CA GLY A 307 10.61 -15.88 -7.57
C GLY A 307 11.57 -16.87 -8.20
N GLU A 308 11.12 -17.55 -9.27
CA GLU A 308 12.00 -18.41 -10.04
C GLU A 308 13.12 -17.61 -10.70
N LEU A 309 12.78 -16.43 -11.24
CA LEU A 309 13.78 -15.61 -11.90
C LEU A 309 14.84 -15.10 -10.92
N CYS A 310 14.41 -14.71 -9.72
CA CYS A 310 15.34 -14.21 -8.72
C CYS A 310 16.39 -15.26 -8.38
N SER A 311 15.98 -16.53 -8.29
CA SER A 311 16.92 -17.59 -7.93
C SER A 311 17.99 -17.76 -9.00
N HIS A 312 17.61 -17.66 -10.27
CA HIS A 312 18.57 -17.84 -11.35
C HIS A 312 19.45 -16.60 -11.55
N LEU A 313 18.87 -15.41 -11.35
CA LEU A 313 19.68 -14.20 -11.37
C LEU A 313 20.73 -14.21 -10.27
N HIS A 314 20.41 -14.82 -9.13
CA HIS A 314 21.34 -14.90 -8.01
C HIS A 314 22.54 -15.75 -8.35
N HIS A 315 22.39 -16.73 -9.26
CA HIS A 315 23.52 -17.54 -9.68
C HIS A 315 24.46 -16.75 -10.58
N CYS A 316 23.91 -16.02 -11.55
CA CYS A 316 24.73 -15.18 -12.42
C CYS A 316 25.53 -14.17 -11.61
N LYS A 317 24.94 -13.67 -10.51
CA LYS A 317 25.64 -12.73 -9.64
C LYS A 317 26.82 -13.41 -8.96
N HIS A 318 26.61 -14.61 -8.42
CA HIS A 318 27.70 -15.34 -7.76
C HIS A 318 28.77 -15.76 -8.75
N ALA A 319 28.40 -16.05 -9.99
CA ALA A 319 29.39 -16.40 -11.00
C ALA A 319 30.18 -15.19 -11.47
N LEU A 320 29.55 -14.02 -11.49
CA LEU A 320 30.26 -12.79 -11.84
C LEU A 320 31.26 -12.41 -10.76
N PHE A 321 30.97 -12.76 -9.51
CA PHE A 321 31.94 -12.61 -8.42
C PHE A 321 33.12 -13.56 -8.57
N SER A 322 33.01 -14.56 -9.44
CA SER A 322 34.02 -15.61 -9.60
C SER A 322 34.23 -16.36 -8.30
#